data_7G9Z
#
_entry.id   7G9Z
#
_cell.length_a   53.709
_cell.length_b   69.498
_cell.length_c   57.473
_cell.angle_alpha   90.000
_cell.angle_beta   92.380
_cell.angle_gamma   90.000
#
_symmetry.space_group_name_H-M   'P 1 21 1'
#
loop_
_entity.id
_entity.type
_entity.pdbx_description
1 polymer 'Serine protease NS3'
2 non-polymer 1,2-ETHANEDIOL
3 non-polymer 'PHOSPHATE ION'
4 non-polymer (4S)-2-METHYL-2,4-PENTANEDIOL
5 non-polymer 2-(propan-2-yl)-1H-pyrrolo[3,2-b]pyridine
6 non-polymer 'DIMETHYL SULFOXIDE'
7 water water
#
_entity_poly.entity_id   1
_entity_poly.type   'polypeptide(L)'
_entity_poly.pdbx_seq_one_letter_code
;MLKKKQLTVLDLHPGAGKTRRVLPEIVREAIKKRLRTVILAPTRVVAAEMEEALRGLPVRYMTTAVNVTHSGTEIVDLMC
HATFTSRLLQPIRVPNYNLNIMDEAHFTDPSSIAARGYISTRVEMGEAAAIFMTATPPGTRDAFPDSNSPIMDTEVEVPE
RAWSSGFDWVTDHSGKTVWFVPSVRNGNEIAACLTKAGKRVIQLSRKTFETEFQKTKNQEWDFVITTDISEMGANFKADR
VIDSRRCLKPVILDGERVILAGPMPVTHASAAQRRGRIGRNPNKPGDEYMYGGGCAETDEGHAHWLEARMLLDNIYLQDG
LIASLYRPEADKVAAIEGEFKLRTEQRKTFVELMKRGDLPVWLAYQVASAGITYTDRRWCFDGTTNNTIMEDSVPAEVWT
KYGEKRVLKPRWMDARVCSDHAALKSFKEFAAGKR
;
_entity_poly.pdbx_strand_id   A
#
loop_
_chem_comp.id
_chem_comp.type
_chem_comp.name
_chem_comp.formula
DMS non-polymer 'DIMETHYL SULFOXIDE' 'C2 H6 O S'
EDO non-polymer 1,2-ETHANEDIOL 'C2 H6 O2'
MPD non-polymer (4S)-2-METHYL-2,4-PENTANEDIOL 'C6 H14 O2'
PO4 non-polymer 'PHOSPHATE ION' 'O4 P -3'
ZVB non-polymer 2-(propan-2-yl)-1H-pyrrolo[3,2-b]pyridine 'C10 H12 N2'
#
# COMPACT_ATOMS: atom_id res chain seq x y z
N MET A 1 -27.75 -0.60 2.95
CA MET A 1 -26.41 -0.63 2.38
C MET A 1 -26.26 -1.74 1.34
N LEU A 2 -26.88 -2.89 1.60
CA LEU A 2 -26.71 -4.13 0.84
C LEU A 2 -27.49 -4.23 -0.47
N LYS A 3 -28.34 -3.24 -0.81
CA LYS A 3 -29.14 -3.25 -2.05
C LYS A 3 -28.25 -3.08 -3.27
N LYS A 4 -28.56 -3.77 -4.39
CA LYS A 4 -27.81 -3.61 -5.64
C LYS A 4 -27.77 -2.12 -6.08
N LYS A 5 -26.79 -1.74 -6.88
CA LYS A 5 -26.61 -0.35 -7.36
C LYS A 5 -26.25 0.63 -6.23
N GLN A 6 -25.86 0.15 -5.02
CA GLN A 6 -25.48 1.10 -3.96
C GLN A 6 -24.03 1.00 -3.50
N LEU A 7 -23.31 2.15 -3.46
CA LEU A 7 -21.95 2.19 -2.94
C LEU A 7 -22.00 3.10 -1.71
N THR A 8 -21.74 2.54 -0.55
CA THR A 8 -21.75 3.28 0.70
C THR A 8 -20.34 3.55 1.21
N VAL A 9 -20.07 4.79 1.64
CA VAL A 9 -18.79 5.08 2.26
C VAL A 9 -18.98 5.12 3.77
N LEU A 10 -18.45 4.13 4.51
CA LEU A 10 -18.56 4.06 5.96
C LEU A 10 -17.37 4.84 6.49
N ASP A 11 -17.62 6.13 6.78
CA ASP A 11 -16.59 7.08 7.13
C ASP A 11 -16.57 7.48 8.61
N LEU A 12 -16.84 6.52 9.51
CA LEU A 12 -16.73 6.79 10.94
C LEU A 12 -15.24 7.14 11.25
N HIS A 13 -15.01 8.00 12.24
CA HIS A 13 -13.66 8.41 12.59
C HIS A 13 -12.73 7.21 12.94
N PRO A 14 -11.39 7.40 12.89
CA PRO A 14 -10.48 6.30 13.24
C PRO A 14 -10.71 5.79 14.66
N GLY A 15 -10.77 4.48 14.80
CA GLY A 15 -11.04 3.85 16.09
C GLY A 15 -12.49 3.81 16.49
N ALA A 16 -13.42 4.21 15.59
CA ALA A 16 -14.85 4.18 15.94
C ALA A 16 -15.47 2.79 15.98
N GLY A 17 -14.76 1.76 15.53
CA GLY A 17 -15.29 0.40 15.56
C GLY A 17 -15.75 -0.16 14.21
N LYS A 18 -15.29 0.43 13.10
CA LYS A 18 -15.74 -0.05 11.77
C LYS A 18 -15.40 -1.54 11.56
N THR A 19 -14.18 -1.95 11.91
CA THR A 19 -13.73 -3.34 11.70
C THR A 19 -14.25 -4.32 12.76
N ARG A 20 -14.15 -3.96 14.07
CA ARG A 20 -14.54 -4.92 15.11
C ARG A 20 -16.04 -4.92 15.47
N ARG A 21 -16.76 -3.83 15.19
CA ARG A 21 -18.17 -3.76 15.56
C ARG A 21 -19.11 -3.77 14.35
N VAL A 22 -18.87 -2.89 13.38
CA VAL A 22 -19.76 -2.77 12.23
C VAL A 22 -19.61 -3.96 11.26
N LEU A 23 -18.36 -4.28 10.87
CA LEU A 23 -18.11 -5.38 9.94
C LEU A 23 -18.83 -6.70 10.28
N PRO A 24 -18.77 -7.26 11.52
CA PRO A 24 -19.49 -8.51 11.79
C PRO A 24 -21.01 -8.40 11.59
N GLU A 25 -21.62 -7.23 11.93
CA GLU A 25 -23.05 -6.99 11.73
C GLU A 25 -23.38 -7.03 10.22
N ILE A 26 -22.53 -6.36 9.39
CA ILE A 26 -22.73 -6.37 7.94
C ILE A 26 -22.66 -7.81 7.40
N VAL A 27 -21.64 -8.56 7.82
CA VAL A 27 -21.44 -9.97 7.43
C VAL A 27 -22.63 -10.84 7.80
N ARG A 28 -23.14 -10.74 9.04
CA ARG A 28 -24.32 -11.53 9.44
C ARG A 28 -25.53 -11.21 8.55
N GLU A 29 -25.77 -9.92 8.26
CA GLU A 29 -26.88 -9.53 7.40
C GLU A 29 -26.68 -10.07 5.97
N ALA A 30 -25.45 -10.02 5.44
CA ALA A 30 -25.14 -10.51 4.10
C ALA A 30 -25.44 -12.01 3.97
N ILE A 31 -25.02 -12.81 4.99
CA ILE A 31 -25.28 -14.24 5.04
C ILE A 31 -26.81 -14.51 5.12
N LYS A 32 -27.55 -13.74 5.94
CA LYS A 32 -29.02 -13.86 6.09
C LYS A 32 -29.70 -13.66 4.73
N LYS A 33 -29.19 -12.71 3.91
CA LYS A 33 -29.77 -12.42 2.60
C LYS A 33 -29.19 -13.22 1.44
N ARG A 34 -28.32 -14.21 1.73
CA ARG A 34 -27.71 -15.03 0.68
C ARG A 34 -26.96 -14.18 -0.35
N LEU A 35 -26.21 -13.19 0.14
CA LEU A 35 -25.38 -12.35 -0.76
C LEU A 35 -23.99 -12.94 -0.82
N ARG A 36 -23.52 -13.31 -2.02
CA ARG A 36 -22.13 -13.78 -2.18
C ARG A 36 -21.24 -12.55 -1.92
N THR A 37 -20.38 -12.61 -0.88
CA THR A 37 -19.68 -11.41 -0.42
C THR A 37 -18.17 -11.54 -0.42
N VAL A 38 -17.46 -10.45 -0.77
CA VAL A 38 -16.00 -10.45 -0.64
C VAL A 38 -15.63 -9.36 0.38
N ILE A 39 -14.66 -9.67 1.27
CA ILE A 39 -14.13 -8.71 2.25
C ILE A 39 -12.65 -8.56 1.89
N LEU A 40 -12.22 -7.34 1.61
CA LEU A 40 -10.84 -7.06 1.17
C LEU A 40 -10.02 -6.38 2.27
N ALA A 41 -8.98 -7.08 2.75
CA ALA A 41 -8.05 -6.58 3.79
C ALA A 41 -6.82 -5.94 3.12
N PRO A 42 -6.28 -4.80 3.62
CA PRO A 42 -5.11 -4.20 2.96
C PRO A 42 -3.84 -5.04 3.07
N THR A 43 -3.67 -5.71 4.23
CA THR A 43 -2.48 -6.49 4.57
C THR A 43 -2.83 -7.83 5.22
N ARG A 44 -1.83 -8.75 5.28
CA ARG A 44 -1.98 -10.00 5.97
C ARG A 44 -2.20 -9.76 7.46
N VAL A 45 -1.56 -8.71 8.05
CA VAL A 45 -1.76 -8.39 9.46
C VAL A 45 -3.23 -8.05 9.72
N VAL A 46 -3.84 -7.20 8.85
CA VAL A 46 -5.26 -6.85 9.04
C VAL A 46 -6.17 -8.06 8.79
N ALA A 47 -5.79 -8.93 7.86
CA ALA A 47 -6.57 -10.15 7.59
C ALA A 47 -6.65 -11.01 8.85
N ALA A 48 -5.52 -11.16 9.57
CA ALA A 48 -5.51 -11.93 10.83
C ALA A 48 -6.36 -11.27 11.92
N GLU A 49 -6.37 -9.94 11.99
CA GLU A 49 -7.21 -9.22 12.97
C GLU A 49 -8.69 -9.36 12.65
N MET A 50 -9.04 -9.39 11.36
CA MET A 50 -10.40 -9.60 10.89
C MET A 50 -10.90 -10.95 11.28
N GLU A 51 -10.04 -11.99 11.21
CA GLU A 51 -10.46 -13.34 11.62
C GLU A 51 -10.88 -13.34 13.10
N GLU A 52 -10.16 -12.59 13.93
CA GLU A 52 -10.47 -12.49 15.36
C GLU A 52 -11.85 -11.85 15.57
N ALA A 53 -12.16 -10.78 14.84
CA ALA A 53 -13.43 -10.07 14.93
C ALA A 53 -14.59 -10.84 14.34
N LEU A 54 -14.32 -11.69 13.34
CA LEU A 54 -15.36 -12.47 12.66
C LEU A 54 -15.41 -13.94 13.11
N ARG A 55 -14.63 -14.33 14.15
CA ARG A 55 -14.54 -15.70 14.62
C ARG A 55 -15.92 -16.30 14.93
N GLY A 56 -16.19 -17.48 14.39
CA GLY A 56 -17.50 -18.12 14.56
C GLY A 56 -18.38 -17.99 13.32
N LEU A 57 -18.20 -16.89 12.55
CA LEU A 57 -18.96 -16.67 11.33
C LEU A 57 -18.37 -17.50 10.19
N PRO A 58 -19.22 -17.98 9.27
CA PRO A 58 -18.72 -18.79 8.16
C PRO A 58 -18.04 -17.95 7.06
N VAL A 59 -16.74 -17.72 7.20
CA VAL A 59 -15.94 -16.91 6.25
C VAL A 59 -14.78 -17.76 5.72
N ARG A 60 -14.58 -17.75 4.38
CA ARG A 60 -13.50 -18.51 3.74
C ARG A 60 -12.30 -17.56 3.65
N TYR A 61 -11.21 -17.90 4.35
CA TYR A 61 -10.02 -17.05 4.39
C TYR A 61 -9.05 -17.44 3.29
N MET A 62 -9.03 -16.67 2.21
CA MET A 62 -8.18 -16.94 1.06
C MET A 62 -6.79 -16.32 1.25
N THR A 63 -6.14 -16.71 2.36
CA THR A 63 -4.82 -16.18 2.73
C THR A 63 -4.16 -17.16 3.70
N THR A 64 -2.84 -17.40 3.54
CA THR A 64 -2.13 -18.25 4.52
C THR A 64 -1.83 -17.50 5.84
N ALA A 65 -2.25 -16.20 5.97
CA ALA A 65 -2.04 -15.46 7.22
C ALA A 65 -2.93 -16.00 8.36
N VAL A 66 -3.96 -16.83 8.02
CA VAL A 66 -4.92 -17.41 8.95
C VAL A 66 -4.86 -18.95 8.76
N ASN A 67 -4.69 -19.72 9.84
CA ASN A 67 -4.63 -21.18 9.73
C ASN A 67 -5.99 -21.73 10.10
N VAL A 68 -6.92 -21.87 9.13
CA VAL A 68 -8.26 -22.36 9.46
C VAL A 68 -8.73 -23.56 8.63
N THR A 69 -9.60 -24.39 9.23
CA THR A 69 -10.19 -25.50 8.51
C THR A 69 -11.53 -25.01 7.97
N HIS A 70 -11.61 -24.72 6.67
CA HIS A 70 -12.86 -24.29 6.04
C HIS A 70 -13.86 -25.42 5.91
N SER A 71 -15.13 -25.11 6.12
CA SER A 71 -16.18 -26.12 6.04
C SER A 71 -16.67 -26.40 4.61
N GLY A 72 -16.50 -25.44 3.72
CA GLY A 72 -17.04 -25.55 2.37
C GLY A 72 -18.45 -24.97 2.25
N THR A 73 -19.03 -24.52 3.38
CA THR A 73 -20.37 -23.91 3.42
C THR A 73 -20.31 -22.36 3.30
N GLU A 74 -19.12 -21.76 3.21
CA GLU A 74 -18.99 -20.32 3.20
C GLU A 74 -19.41 -19.66 1.87
N ILE A 75 -20.20 -18.58 1.98
CA ILE A 75 -20.52 -17.73 0.83
C ILE A 75 -19.85 -16.33 1.00
N VAL A 76 -19.04 -16.14 2.05
CA VAL A 76 -18.29 -14.92 2.28
C VAL A 76 -16.82 -15.27 2.14
N ASP A 77 -16.10 -14.55 1.28
CA ASP A 77 -14.67 -14.77 1.07
C ASP A 77 -13.88 -13.57 1.62
N LEU A 78 -12.72 -13.81 2.22
CA LEU A 78 -11.86 -12.73 2.68
C LEU A 78 -10.50 -12.91 2.02
N MET A 79 -9.98 -11.84 1.39
CA MET A 79 -8.65 -11.90 0.79
C MET A 79 -8.01 -10.50 0.83
N CYS A 80 -6.71 -10.40 0.53
CA CYS A 80 -6.08 -9.08 0.50
C CYS A 80 -6.49 -8.28 -0.74
N HIS A 81 -6.43 -6.93 -0.68
CA HIS A 81 -6.70 -6.09 -1.88
C HIS A 81 -5.89 -6.56 -3.11
N ALA A 82 -4.58 -6.83 -2.92
CA ALA A 82 -3.68 -7.23 -4.01
C ALA A 82 -4.10 -8.58 -4.60
N THR A 83 -4.56 -9.50 -3.75
CA THR A 83 -5.00 -10.83 -4.19
C THR A 83 -6.23 -10.73 -5.08
N PHE A 84 -7.17 -9.83 -4.73
CA PHE A 84 -8.37 -9.63 -5.55
C PHE A 84 -7.98 -9.16 -6.95
N THR A 85 -7.13 -8.11 -7.03
CA THR A 85 -6.72 -7.59 -8.33
C THR A 85 -5.89 -8.61 -9.12
N SER A 86 -5.05 -9.37 -8.43
CA SER A 86 -4.22 -10.40 -9.07
C SER A 86 -5.13 -11.47 -9.71
N ARG A 87 -6.12 -11.96 -8.95
CA ARG A 87 -7.01 -13.00 -9.47
C ARG A 87 -7.84 -12.50 -10.65
N LEU A 88 -8.24 -11.20 -10.62
CA LEU A 88 -8.95 -10.62 -11.75
C LEU A 88 -8.06 -10.64 -13.01
N LEU A 89 -6.79 -10.27 -12.87
CA LEU A 89 -5.84 -10.28 -13.98
C LEU A 89 -5.49 -11.67 -14.56
N GLN A 90 -5.39 -12.67 -13.70
CA GLN A 90 -5.05 -14.04 -14.10
C GLN A 90 -6.23 -14.76 -14.79
N PRO A 91 -5.96 -15.88 -15.53
CA PRO A 91 -7.06 -16.63 -16.16
C PRO A 91 -7.73 -17.59 -15.16
N ILE A 92 -8.14 -17.07 -14.04
CA ILE A 92 -8.89 -17.73 -12.96
C ILE A 92 -10.20 -16.95 -12.88
N ARG A 93 -11.31 -17.67 -12.76
CA ARG A 93 -12.60 -17.04 -12.67
C ARG A 93 -12.81 -16.52 -11.24
N VAL A 94 -13.16 -15.26 -11.14
CA VAL A 94 -13.47 -14.63 -9.86
C VAL A 94 -14.99 -14.54 -9.86
N PRO A 95 -15.64 -14.97 -8.77
CA PRO A 95 -17.11 -14.88 -8.74
C PRO A 95 -17.58 -13.43 -8.86
N ASN A 96 -18.78 -13.24 -9.42
CA ASN A 96 -19.34 -11.88 -9.51
C ASN A 96 -20.01 -11.58 -8.15
N TYR A 97 -19.24 -11.11 -7.15
CA TYR A 97 -19.74 -10.85 -5.79
C TYR A 97 -20.91 -9.87 -5.74
N ASN A 98 -22.00 -10.25 -5.06
CA ASN A 98 -23.17 -9.34 -4.91
C ASN A 98 -22.83 -8.18 -3.97
N LEU A 99 -21.97 -8.40 -2.96
CA LEU A 99 -21.59 -7.37 -2.00
C LEU A 99 -20.07 -7.34 -1.90
N ASN A 100 -19.50 -6.16 -2.09
CA ASN A 100 -18.03 -5.98 -2.10
C ASN A 100 -17.64 -5.03 -0.94
N ILE A 101 -16.92 -5.54 0.06
CA ILE A 101 -16.54 -4.73 1.21
C ILE A 101 -15.06 -4.49 1.21
N MET A 102 -14.61 -3.21 1.18
CA MET A 102 -13.17 -2.96 1.23
C MET A 102 -12.83 -2.29 2.55
N ASP A 103 -12.02 -2.95 3.42
CA ASP A 103 -11.58 -2.29 4.66
C ASP A 103 -10.32 -1.49 4.33
N GLU A 104 -10.07 -0.43 5.10
CA GLU A 104 -8.95 0.51 4.91
C GLU A 104 -8.91 0.97 3.46
N ALA A 105 -10.09 1.41 2.99
CA ALA A 105 -10.35 1.77 1.60
C ALA A 105 -9.62 3.01 1.08
N HIS A 106 -8.82 3.66 1.94
CA HIS A 106 -8.01 4.79 1.49
C HIS A 106 -6.67 4.34 0.88
N PHE A 107 -6.30 3.05 0.96
CA PHE A 107 -5.00 2.54 0.48
C PHE A 107 -4.74 2.96 -0.96
N THR A 108 -3.58 3.63 -1.19
CA THR A 108 -3.27 4.17 -2.52
C THR A 108 -2.27 3.33 -3.34
N ASP A 109 -2.00 2.06 -2.94
CA ASP A 109 -1.16 1.22 -3.80
C ASP A 109 -1.97 0.89 -5.09
N PRO A 110 -1.27 0.75 -6.23
CA PRO A 110 -1.96 0.54 -7.52
C PRO A 110 -3.03 -0.54 -7.50
N SER A 111 -2.76 -1.71 -6.86
CA SER A 111 -3.79 -2.78 -6.83
C SER A 111 -5.06 -2.41 -6.05
N SER A 112 -4.92 -1.55 -5.04
CA SER A 112 -6.05 -1.10 -4.24
C SER A 112 -6.91 -0.10 -5.06
N ILE A 113 -6.27 0.87 -5.76
CA ILE A 113 -6.98 1.82 -6.62
C ILE A 113 -7.72 1.04 -7.73
N ALA A 114 -7.04 0.04 -8.36
CA ALA A 114 -7.67 -0.76 -9.41
C ALA A 114 -8.88 -1.52 -8.83
N ALA A 115 -8.74 -2.13 -7.63
CA ALA A 115 -9.88 -2.84 -7.03
C ALA A 115 -11.10 -1.88 -6.82
N ARG A 116 -10.85 -0.65 -6.31
CA ARG A 116 -11.96 0.31 -6.15
C ARG A 116 -12.59 0.66 -7.50
N GLY A 117 -11.78 0.76 -8.53
CA GLY A 117 -12.24 1.10 -9.88
C GLY A 117 -13.15 0.02 -10.45
N TYR A 118 -12.71 -1.22 -10.32
CA TYR A 118 -13.47 -2.36 -10.81
C TYR A 118 -14.80 -2.48 -10.04
N ILE A 119 -14.76 -2.44 -8.70
CA ILE A 119 -15.94 -2.58 -7.87
C ILE A 119 -16.96 -1.45 -8.12
N SER A 120 -16.50 -0.19 -8.11
CA SER A 120 -17.37 0.98 -8.34
C SER A 120 -18.01 0.95 -9.73
N THR A 121 -17.31 0.39 -10.75
CA THR A 121 -17.89 0.25 -12.09
C THR A 121 -19.02 -0.80 -12.09
N ARG A 122 -18.82 -1.91 -11.37
CA ARG A 122 -19.85 -2.95 -11.24
C ARG A 122 -21.09 -2.37 -10.55
N VAL A 123 -20.89 -1.53 -9.52
CA VAL A 123 -22.00 -0.92 -8.81
C VAL A 123 -22.74 0.07 -9.76
N GLU A 124 -21.97 0.90 -10.50
CA GLU A 124 -22.53 1.87 -11.47
C GLU A 124 -23.35 1.15 -12.54
N MET A 125 -22.89 -0.04 -12.98
CA MET A 125 -23.62 -0.86 -13.96
C MET A 125 -24.93 -1.43 -13.42
N GLY A 126 -25.14 -1.37 -12.11
CA GLY A 126 -26.32 -1.89 -11.44
C GLY A 126 -26.23 -3.36 -11.09
N GLU A 127 -25.02 -3.91 -11.05
CA GLU A 127 -24.77 -5.32 -10.87
C GLU A 127 -24.47 -5.76 -9.46
N ALA A 128 -24.01 -4.84 -8.61
CA ALA A 128 -23.54 -5.19 -7.29
C ALA A 128 -23.67 -4.02 -6.29
N ALA A 129 -23.47 -4.30 -4.99
CA ALA A 129 -23.43 -3.28 -3.94
C ALA A 129 -21.98 -3.27 -3.41
N ALA A 130 -21.59 -2.17 -2.79
CA ALA A 130 -20.26 -2.06 -2.22
C ALA A 130 -20.24 -1.20 -0.98
N ILE A 131 -19.31 -1.50 -0.07
CA ILE A 131 -19.10 -0.72 1.13
C ILE A 131 -17.61 -0.43 1.23
N PHE A 132 -17.22 0.86 1.18
CA PHE A 132 -15.80 1.24 1.35
C PHE A 132 -15.65 1.78 2.77
N MET A 133 -14.86 1.09 3.62
CA MET A 133 -14.67 1.48 5.01
C MET A 133 -13.38 2.25 5.17
N THR A 134 -13.49 3.56 5.49
CA THR A 134 -12.35 4.42 5.77
C THR A 134 -12.80 5.73 6.41
N ALA A 135 -12.02 6.19 7.40
CA ALA A 135 -12.26 7.52 7.97
C ALA A 135 -11.88 8.63 6.96
N THR A 136 -10.98 8.32 6.00
CA THR A 136 -10.48 9.32 5.07
C THR A 136 -10.72 8.97 3.61
N PRO A 137 -11.95 9.17 3.10
CA PRO A 137 -12.21 8.87 1.67
C PRO A 137 -11.44 9.82 0.73
N PRO A 138 -11.28 9.46 -0.56
CA PRO A 138 -10.51 10.31 -1.48
C PRO A 138 -10.95 11.77 -1.54
N GLY A 139 -10.00 12.68 -1.42
CA GLY A 139 -10.31 14.10 -1.49
C GLY A 139 -10.64 14.76 -0.17
N THR A 140 -10.55 14.01 0.95
CA THR A 140 -10.78 14.59 2.27
C THR A 140 -9.74 15.69 2.53
N ARG A 141 -10.19 16.77 3.13
CA ARG A 141 -9.38 17.94 3.41
C ARG A 141 -9.16 18.16 4.92
N ASP A 142 -9.54 17.20 5.75
CA ASP A 142 -9.44 17.33 7.20
C ASP A 142 -8.35 16.41 7.74
N ALA A 143 -7.21 16.97 8.11
CA ALA A 143 -6.12 16.18 8.68
C ALA A 143 -6.30 15.89 10.19
N PHE A 144 -7.32 16.51 10.85
CA PHE A 144 -7.51 16.37 12.30
C PHE A 144 -8.93 15.89 12.65
N PRO A 145 -9.30 14.68 12.24
CA PRO A 145 -10.66 14.19 12.53
C PRO A 145 -10.88 13.81 14.00
N ASP A 146 -12.13 13.43 14.34
CA ASP A 146 -12.45 13.03 15.71
C ASP A 146 -11.65 11.79 16.13
N SER A 147 -11.54 11.59 17.46
CA SER A 147 -10.84 10.43 18.01
C SER A 147 -11.58 9.93 19.26
N ASN A 148 -11.23 8.74 19.76
CA ASN A 148 -11.86 8.20 20.97
C ASN A 148 -11.52 9.03 22.21
N SER A 149 -10.32 9.60 22.26
CA SER A 149 -9.93 10.50 23.35
C SER A 149 -9.16 11.73 22.83
N PRO A 150 -9.22 12.86 23.55
CA PRO A 150 -8.54 14.07 23.06
C PRO A 150 -7.05 13.88 22.79
N ILE A 151 -6.58 14.49 21.70
CA ILE A 151 -5.18 14.44 21.26
C ILE A 151 -4.55 15.81 21.40
N MET A 152 -3.27 15.87 21.83
CA MET A 152 -2.55 17.15 21.91
C MET A 152 -1.81 17.32 20.58
N ASP A 153 -2.30 18.18 19.70
CA ASP A 153 -1.68 18.42 18.39
C ASP A 153 -0.64 19.54 18.49
N THR A 154 0.62 19.29 18.05
CA THR A 154 1.65 20.33 18.12
C THR A 154 2.47 20.37 16.84
N GLU A 155 2.52 21.54 16.19
CA GLU A 155 3.35 21.75 15.01
C GLU A 155 4.74 22.02 15.53
N VAL A 156 5.74 21.21 15.10
CA VAL A 156 7.11 21.33 15.60
C VAL A 156 8.10 20.84 14.54
N GLU A 157 9.35 21.37 14.54
CA GLU A 157 10.37 20.89 13.61
C GLU A 157 10.75 19.46 14.00
N VAL A 158 10.64 18.53 13.05
CA VAL A 158 10.93 17.12 13.27
C VAL A 158 12.21 16.76 12.55
N PRO A 159 13.17 16.09 13.24
CA PRO A 159 14.40 15.68 12.55
C PRO A 159 14.14 14.69 11.45
N GLU A 160 14.88 14.83 10.34
CA GLU A 160 14.88 13.87 9.23
C GLU A 160 16.27 13.28 8.99
N ARG A 161 17.24 13.59 9.86
CA ARG A 161 18.61 13.10 9.83
C ARG A 161 19.01 12.84 11.29
N ALA A 162 20.16 12.19 11.53
CA ALA A 162 20.70 12.06 12.88
C ALA A 162 20.94 13.48 13.45
N TRP A 163 20.81 13.63 14.76
CA TRP A 163 21.01 14.91 15.41
C TRP A 163 21.83 14.73 16.67
N SER A 164 22.53 15.80 17.09
CA SER A 164 23.32 15.81 18.31
C SER A 164 22.71 16.73 19.40
N SER A 165 21.83 17.67 19.01
CA SER A 165 21.20 18.65 19.89
C SER A 165 19.98 19.33 19.22
N GLY A 166 19.17 20.05 20.01
CA GLY A 166 18.05 20.81 19.50
C GLY A 166 16.70 20.11 19.43
N PHE A 167 16.67 18.82 19.77
CA PHE A 167 15.42 18.04 19.73
C PHE A 167 15.26 17.20 21.01
N ASP A 168 15.58 17.80 22.20
CA ASP A 168 15.49 17.05 23.46
C ASP A 168 14.13 16.38 23.70
N TRP A 169 13.04 17.05 23.29
CA TRP A 169 11.68 16.52 23.43
C TRP A 169 11.50 15.14 22.85
N VAL A 170 12.27 14.81 21.80
CA VAL A 170 12.15 13.49 21.17
C VAL A 170 12.57 12.36 22.12
N THR A 171 13.75 12.52 22.76
CA THR A 171 14.30 11.47 23.61
C THR A 171 13.91 11.59 25.08
N ASP A 172 13.45 12.77 25.53
CA ASP A 172 13.04 12.94 26.94
C ASP A 172 11.73 12.21 27.31
N HIS A 173 11.00 11.74 26.34
CA HIS A 173 9.74 11.04 26.49
C HIS A 173 9.91 9.64 27.08
N SER A 174 9.00 9.25 27.97
CA SER A 174 9.09 7.94 28.61
C SER A 174 8.07 6.91 28.11
N GLY A 175 7.23 7.28 27.15
CA GLY A 175 6.22 6.38 26.62
C GLY A 175 6.66 5.64 25.36
N LYS A 176 5.70 5.31 24.51
CA LYS A 176 5.99 4.60 23.27
C LYS A 176 5.59 5.51 22.10
N THR A 177 6.50 5.67 21.13
CA THR A 177 6.28 6.55 19.98
C THR A 177 6.25 5.83 18.66
N VAL A 178 5.30 6.20 17.79
CA VAL A 178 5.27 5.73 16.42
C VAL A 178 5.72 6.88 15.51
N TRP A 179 6.80 6.71 14.78
CA TRP A 179 7.38 7.81 13.98
C TRP A 179 7.32 7.50 12.51
N PHE A 180 6.57 8.32 11.76
CA PHE A 180 6.40 8.17 10.30
C PHE A 180 7.47 8.96 9.54
N VAL A 181 8.27 8.20 8.77
CA VAL A 181 9.37 8.72 7.93
C VAL A 181 9.03 8.61 6.44
N PRO A 182 9.69 9.40 5.56
CA PRO A 182 9.33 9.36 4.12
C PRO A 182 9.89 8.20 3.34
N SER A 183 10.90 7.50 3.89
CA SER A 183 11.50 6.38 3.17
C SER A 183 12.24 5.44 4.12
N VAL A 184 12.51 4.22 3.66
CA VAL A 184 13.28 3.23 4.42
C VAL A 184 14.68 3.78 4.76
N ARG A 185 15.37 4.38 3.77
CA ARG A 185 16.72 4.93 4.01
C ARG A 185 16.69 6.01 5.09
N ASN A 186 15.67 6.88 5.07
CA ASN A 186 15.56 7.92 6.09
CA ASN A 186 15.51 7.92 6.08
C ASN A 186 15.31 7.31 7.48
N GLY A 187 14.46 6.28 7.56
CA GLY A 187 14.20 5.62 8.83
C GLY A 187 15.44 4.93 9.40
N ASN A 188 16.28 4.35 8.52
CA ASN A 188 17.53 3.69 8.93
C ASN A 188 18.43 4.69 9.70
N GLU A 189 18.56 5.93 9.17
CA GLU A 189 19.40 6.95 9.83
C GLU A 189 18.82 7.38 11.19
N ILE A 190 17.50 7.60 11.24
CA ILE A 190 16.87 8.00 12.50
C ILE A 190 16.92 6.85 13.53
N ALA A 191 16.70 5.62 13.09
CA ALA A 191 16.76 4.45 13.96
C ALA A 191 18.14 4.30 14.57
N ALA A 192 19.21 4.44 13.76
CA ALA A 192 20.59 4.34 14.23
C ALA A 192 20.90 5.43 15.29
N CYS A 193 20.41 6.66 15.05
CA CYS A 193 20.60 7.75 16.00
C CYS A 193 19.91 7.39 17.34
N LEU A 194 18.64 6.90 17.29
CA LEU A 194 17.89 6.56 18.49
C LEU A 194 18.53 5.38 19.20
N THR A 195 19.00 4.38 18.45
CA THR A 195 19.65 3.22 19.06
C THR A 195 20.95 3.64 19.79
N LYS A 196 21.72 4.55 19.17
CA LYS A 196 22.93 5.07 19.81
C LYS A 196 22.60 5.78 21.13
N ALA A 197 21.41 6.40 21.24
CA ALA A 197 20.94 7.08 22.46
C ALA A 197 20.29 6.16 23.51
N GLY A 198 20.38 4.85 23.32
CA GLY A 198 19.85 3.88 24.28
C GLY A 198 18.41 3.46 24.08
N LYS A 199 17.78 3.89 22.95
CA LYS A 199 16.38 3.50 22.70
C LYS A 199 16.27 2.15 22.00
N ARG A 200 15.15 1.44 22.19
CA ARG A 200 14.83 0.16 21.53
C ARG A 200 13.90 0.47 20.35
N VAL A 201 14.38 0.21 19.13
CA VAL A 201 13.68 0.61 17.93
C VAL A 201 13.30 -0.57 17.05
N ILE A 202 12.06 -0.56 16.52
CA ILE A 202 11.59 -1.55 15.54
C ILE A 202 11.35 -0.76 14.25
N GLN A 203 11.78 -1.27 13.09
CA GLN A 203 11.55 -0.59 11.82
C GLN A 203 10.54 -1.37 10.98
N LEU A 204 9.57 -0.67 10.39
CA LEU A 204 8.54 -1.28 9.55
C LEU A 204 8.52 -0.65 8.16
N SER A 205 8.34 -1.50 7.13
CA SER A 205 8.20 -1.06 5.74
C SER A 205 7.37 -2.13 4.98
N ARG A 206 6.97 -1.87 3.72
CA ARG A 206 6.15 -2.86 2.99
C ARG A 206 6.70 -4.27 2.95
N LYS A 207 7.99 -4.42 2.60
CA LYS A 207 8.57 -5.75 2.45
C LYS A 207 8.83 -6.49 3.76
N THR A 208 8.97 -5.79 4.89
CA THR A 208 9.24 -6.46 6.17
C THR A 208 8.03 -6.48 7.13
N PHE A 209 6.92 -5.79 6.77
CA PHE A 209 5.78 -5.52 7.62
C PHE A 209 5.27 -6.70 8.49
N GLU A 210 4.83 -7.83 7.90
CA GLU A 210 4.29 -8.92 8.73
C GLU A 210 5.20 -9.39 9.86
N THR A 211 6.47 -9.69 9.53
CA THR A 211 7.48 -10.17 10.45
C THR A 211 7.83 -9.17 11.55
N GLU A 212 8.16 -7.92 11.15
CA GLU A 212 8.55 -6.91 12.13
C GLU A 212 7.40 -6.42 12.96
N PHE A 213 6.16 -6.40 12.42
CA PHE A 213 5.00 -5.95 13.21
C PHE A 213 4.79 -6.86 14.43
N GLN A 214 5.09 -8.17 14.28
CA GLN A 214 4.95 -9.12 15.39
C GLN A 214 5.82 -8.71 16.58
N LYS A 215 6.99 -8.09 16.32
CA LYS A 215 7.87 -7.61 17.38
C LYS A 215 7.22 -6.56 18.24
N THR A 216 6.29 -5.75 17.68
CA THR A 216 5.60 -4.73 18.48
C THR A 216 4.71 -5.35 19.57
N LYS A 217 4.38 -6.65 19.45
CA LYS A 217 3.56 -7.38 20.42
C LYS A 217 4.44 -8.29 21.31
N ASN A 218 5.54 -8.85 20.75
CA ASN A 218 6.42 -9.83 21.43
C ASN A 218 7.53 -9.24 22.31
N GLN A 219 7.87 -7.96 22.11
CA GLN A 219 8.96 -7.38 22.88
C GLN A 219 8.70 -5.93 23.28
N GLU A 220 9.44 -5.46 24.28
CA GLU A 220 9.32 -4.09 24.73
C GLU A 220 10.09 -3.20 23.74
N TRP A 221 9.52 -2.05 23.45
CA TRP A 221 10.10 -1.13 22.49
C TRP A 221 9.81 0.29 22.93
N ASP A 222 10.64 1.24 22.49
CA ASP A 222 10.46 2.66 22.77
C ASP A 222 9.96 3.39 21.52
N PHE A 223 10.49 3.02 20.34
CA PHE A 223 10.06 3.65 19.10
C PHE A 223 9.80 2.62 18.03
N VAL A 224 8.81 2.88 17.18
CA VAL A 224 8.57 2.16 15.94
C VAL A 224 8.84 3.22 14.83
N ILE A 225 9.78 2.96 13.91
CA ILE A 225 10.06 3.81 12.77
C ILE A 225 9.39 3.16 11.58
N THR A 226 8.45 3.86 10.95
CA THR A 226 7.72 3.24 9.84
C THR A 226 7.50 4.17 8.66
N THR A 227 7.36 3.56 7.47
CA THR A 227 6.95 4.31 6.29
C THR A 227 5.39 4.42 6.33
N ASP A 228 4.77 5.00 5.28
CA ASP A 228 3.32 5.16 5.15
C ASP A 228 2.52 3.86 5.23
N ILE A 229 3.16 2.65 5.18
CA ILE A 229 2.37 1.41 5.25
C ILE A 229 1.57 1.30 6.56
N SER A 230 2.08 1.92 7.65
CA SER A 230 1.34 1.84 8.92
C SER A 230 0.07 2.72 8.96
N GLU A 231 -0.26 3.43 7.85
CA GLU A 231 -1.54 4.16 7.73
C GLU A 231 -2.70 3.17 7.47
N MET A 232 -2.38 1.91 7.10
CA MET A 232 -3.40 0.95 6.70
C MET A 232 -3.89 0.03 7.82
N GLY A 233 -4.36 0.61 8.92
CA GLY A 233 -4.96 -0.16 10.00
C GLY A 233 -4.05 -0.83 11.01
N ALA A 234 -2.74 -0.50 10.98
CA ALA A 234 -1.76 -1.04 11.92
C ALA A 234 -2.04 -0.40 13.26
N ASN A 235 -2.24 -1.22 14.32
CA ASN A 235 -2.51 -0.64 15.63
C ASN A 235 -1.40 -0.92 16.60
N PHE A 236 -1.09 0.10 17.40
CA PHE A 236 -0.01 0.09 18.38
C PHE A 236 -0.53 0.53 19.74
N LYS A 237 0.16 0.10 20.78
CA LYS A 237 -0.20 0.51 22.14
C LYS A 237 0.80 1.63 22.38
N ALA A 238 0.52 2.81 21.81
CA ALA A 238 1.47 3.92 21.89
C ALA A 238 0.81 5.19 22.47
N ASP A 239 1.62 6.13 22.96
CA ASP A 239 1.07 7.39 23.46
C ASP A 239 1.52 8.63 22.68
N ARG A 240 2.32 8.44 21.62
CA ARG A 240 2.75 9.57 20.81
C ARG A 240 2.98 9.15 19.38
N VAL A 241 2.63 10.02 18.43
CA VAL A 241 2.99 9.87 17.03
C VAL A 241 3.88 11.06 16.67
N ILE A 242 5.06 10.81 16.09
CA ILE A 242 5.94 11.87 15.54
C ILE A 242 5.73 11.72 14.04
N ASP A 243 5.31 12.79 13.36
CA ASP A 243 5.03 12.70 11.94
C ASP A 243 5.83 13.75 11.16
N SER A 244 6.77 13.27 10.32
CA SER A 244 7.55 14.15 9.45
C SER A 244 6.62 14.90 8.46
N ARG A 245 5.40 14.36 8.21
CA ARG A 245 4.42 14.87 7.23
C ARG A 245 4.99 14.81 5.82
N ARG A 246 5.94 13.87 5.55
CA ARG A 246 6.58 13.76 4.25
C ARG A 246 6.51 12.34 3.71
N CYS A 247 6.55 12.25 2.39
CA CYS A 247 6.48 10.99 1.66
C CYS A 247 7.26 11.13 0.34
N LEU A 248 7.52 10.00 -0.34
CA LEU A 248 8.14 10.05 -1.65
C LEU A 248 6.99 9.90 -2.67
N LYS A 249 7.16 10.50 -3.85
CA LYS A 249 6.13 10.45 -4.89
C LYS A 249 6.73 9.85 -6.16
N PRO A 250 6.30 8.65 -6.63
CA PRO A 250 6.85 8.14 -7.90
C PRO A 250 6.22 8.98 -9.01
N VAL A 251 7.05 9.46 -9.93
CA VAL A 251 6.64 10.34 -11.03
C VAL A 251 7.18 9.81 -12.36
N ILE A 252 6.32 9.63 -13.35
CA ILE A 252 6.76 9.20 -14.68
C ILE A 252 7.20 10.45 -15.47
N LEU A 253 8.48 10.52 -15.86
CA LEU A 253 9.00 11.68 -16.61
C LEU A 253 9.10 11.36 -18.09
N ASP A 254 8.48 12.20 -18.94
CA ASP A 254 8.49 12.04 -20.40
C ASP A 254 8.04 10.67 -20.88
N GLY A 255 7.22 9.97 -20.07
CA GLY A 255 6.74 8.62 -20.36
C GLY A 255 7.84 7.59 -20.56
N GLU A 256 9.07 7.90 -20.08
CA GLU A 256 10.32 7.14 -20.32
C GLU A 256 11.07 6.58 -19.08
N ARG A 257 10.84 7.17 -17.92
CA ARG A 257 11.51 6.76 -16.69
C ARG A 257 10.66 7.10 -15.48
N VAL A 258 10.93 6.47 -14.33
CA VAL A 258 10.20 6.79 -13.11
C VAL A 258 11.21 7.22 -12.06
N ILE A 259 11.01 8.41 -11.45
CA ILE A 259 11.85 8.89 -10.37
C ILE A 259 11.04 8.87 -9.06
N LEU A 260 11.73 8.89 -7.91
CA LEU A 260 11.05 9.00 -6.63
C LEU A 260 11.29 10.44 -6.16
N ALA A 261 10.33 11.32 -6.50
CA ALA A 261 10.46 12.75 -6.20
C ALA A 261 10.19 13.01 -4.74
N GLY A 262 10.79 14.09 -4.24
CA GLY A 262 10.59 14.47 -2.86
C GLY A 262 11.81 14.25 -2.00
N PRO A 263 11.65 14.10 -0.67
CA PRO A 263 10.38 14.05 0.11
C PRO A 263 9.52 15.30 -0.05
N MET A 264 8.21 15.08 -0.09
CA MET A 264 7.27 16.19 -0.23
C MET A 264 6.08 15.98 0.72
N PRO A 265 5.18 16.96 0.88
CA PRO A 265 4.08 16.79 1.84
C PRO A 265 3.15 15.63 1.57
N VAL A 266 2.66 15.05 2.65
CA VAL A 266 1.65 14.00 2.56
C VAL A 266 0.28 14.65 2.24
N THR A 267 -0.72 13.80 1.82
CA THR A 267 -2.07 14.28 1.65
C THR A 267 -2.74 14.47 3.03
N HIS A 268 -3.91 15.15 3.06
CA HIS A 268 -4.66 15.28 4.32
C HIS A 268 -5.10 13.88 4.83
N ALA A 269 -5.51 12.98 3.91
CA ALA A 269 -5.93 11.63 4.29
C ALA A 269 -4.78 10.89 4.99
N SER A 270 -3.55 10.95 4.42
CA SER A 270 -2.41 10.28 5.05
C SER A 270 -2.12 10.88 6.41
N ALA A 271 -2.11 12.22 6.53
CA ALA A 271 -1.83 12.85 7.83
C ALA A 271 -2.85 12.45 8.88
N ALA A 272 -4.14 12.39 8.49
CA ALA A 272 -5.19 11.99 9.44
C ALA A 272 -5.01 10.54 9.89
N GLN A 273 -4.59 9.64 8.97
CA GLN A 273 -4.35 8.23 9.33
C GLN A 273 -3.10 8.06 10.20
N ARG A 274 -2.06 8.88 9.99
CA ARG A 274 -0.84 8.81 10.81
C ARG A 274 -1.19 9.26 12.23
N ARG A 275 -1.89 10.40 12.33
CA ARG A 275 -2.37 10.89 13.63
C ARG A 275 -3.32 9.89 14.31
N GLY A 276 -4.12 9.21 13.50
CA GLY A 276 -5.15 8.25 13.92
C GLY A 276 -4.62 7.01 14.63
N ARG A 277 -3.26 6.83 14.63
CA ARG A 277 -2.65 5.72 15.36
C ARG A 277 -2.81 5.92 16.88
N ILE A 278 -2.95 7.20 17.35
CA ILE A 278 -3.10 7.51 18.78
C ILE A 278 -4.47 8.20 19.07
N GLY A 279 -4.79 8.41 20.33
CA GLY A 279 -6.07 8.94 20.75
C GLY A 279 -7.18 7.89 20.64
N ARG A 280 -6.81 6.59 20.53
CA ARG A 280 -7.73 5.46 20.31
C ARG A 280 -8.35 4.88 21.59
N ASN A 281 -7.76 5.19 22.75
CA ASN A 281 -8.26 4.63 24.02
C ASN A 281 -9.05 5.72 24.75
N PRO A 282 -10.37 5.55 24.93
CA PRO A 282 -11.16 6.59 25.63
C PRO A 282 -10.73 6.83 27.08
N ASN A 283 -10.03 5.85 27.69
CA ASN A 283 -9.53 6.00 29.06
C ASN A 283 -8.14 6.64 29.15
N LYS A 284 -7.51 6.97 28.01
CA LYS A 284 -6.18 7.59 28.03
C LYS A 284 -6.15 8.84 27.17
N PRO A 285 -6.66 9.95 27.72
CA PRO A 285 -6.59 11.22 26.98
C PRO A 285 -5.17 11.76 27.03
N GLY A 286 -4.87 12.69 26.14
CA GLY A 286 -3.56 13.33 26.17
C GLY A 286 -2.46 12.67 25.36
N ASP A 287 -2.83 11.73 24.45
CA ASP A 287 -1.82 11.19 23.52
C ASP A 287 -1.36 12.37 22.63
N GLU A 288 -0.10 12.37 22.26
CA GLU A 288 0.48 13.47 21.52
C GLU A 288 0.65 13.21 20.03
N TYR A 289 0.45 14.24 19.21
CA TYR A 289 0.72 14.16 17.80
C TYR A 289 1.62 15.34 17.44
N MET A 290 2.90 15.07 17.12
CA MET A 290 3.87 16.12 16.76
C MET A 290 4.04 16.09 15.28
N TYR A 291 3.76 17.19 14.56
CA TYR A 291 3.84 17.16 13.10
C TYR A 291 4.75 18.22 12.54
N GLY A 292 5.60 17.81 11.58
CA GLY A 292 6.66 18.67 11.04
C GLY A 292 6.54 19.31 9.68
N GLY A 293 5.31 19.47 9.18
CA GLY A 293 5.05 20.16 7.91
C GLY A 293 3.56 20.20 7.60
N GLY A 294 3.21 20.86 6.51
CA GLY A 294 1.82 20.93 6.09
C GLY A 294 1.44 19.79 5.15
N CYS A 295 0.16 19.78 4.74
CA CYS A 295 -0.39 18.81 3.81
C CYS A 295 -0.55 19.45 2.43
N ALA A 296 -0.61 18.60 1.39
CA ALA A 296 -0.81 19.06 0.03
C ALA A 296 -1.41 17.90 -0.80
N GLU A 297 -2.00 18.20 -1.97
CA GLU A 297 -2.59 17.10 -2.73
CA GLU A 297 -2.62 17.25 -2.89
C GLU A 297 -1.50 16.52 -3.70
N THR A 298 -0.59 15.78 -3.05
CA THR A 298 0.52 15.16 -3.75
C THR A 298 0.16 13.84 -4.44
N ASP A 299 -1.13 13.41 -4.37
CA ASP A 299 -1.55 12.26 -5.17
C ASP A 299 -1.85 12.68 -6.64
N GLU A 300 -1.98 13.99 -6.92
CA GLU A 300 -2.21 14.45 -8.30
C GLU A 300 -0.93 14.22 -9.12
N GLY A 301 -1.03 13.44 -10.21
CA GLY A 301 0.13 13.13 -11.05
C GLY A 301 1.07 12.07 -10.48
N HIS A 302 0.63 11.40 -9.41
CA HIS A 302 1.41 10.36 -8.74
C HIS A 302 1.28 9.08 -9.61
N ALA A 303 2.39 8.38 -9.89
CA ALA A 303 2.38 7.22 -10.80
C ALA A 303 1.39 6.11 -10.42
N HIS A 304 1.05 5.95 -9.11
CA HIS A 304 0.13 4.86 -8.73
C HIS A 304 -1.21 4.90 -9.46
N TRP A 305 -1.74 6.12 -9.78
CA TRP A 305 -3.04 6.16 -10.48
C TRP A 305 -2.92 5.81 -11.97
N LEU A 306 -1.77 6.13 -12.59
CA LEU A 306 -1.51 5.73 -13.98
C LEU A 306 -1.30 4.18 -13.99
N GLU A 307 -0.54 3.65 -13.01
CA GLU A 307 -0.36 2.20 -12.87
C GLU A 307 -1.72 1.45 -12.65
N ALA A 308 -2.63 2.05 -11.88
CA ALA A 308 -3.97 1.47 -11.68
C ALA A 308 -4.73 1.37 -13.02
N ARG A 309 -4.57 2.38 -13.90
CA ARG A 309 -5.18 2.35 -15.23
C ARG A 309 -4.55 1.24 -16.10
N MET A 310 -3.24 1.00 -15.97
CA MET A 310 -2.59 -0.10 -16.68
C MET A 310 -3.19 -1.45 -16.23
N LEU A 311 -3.51 -1.58 -14.92
CA LEU A 311 -4.10 -2.83 -14.42
C LEU A 311 -5.54 -3.00 -14.93
N LEU A 312 -6.38 -1.93 -14.79
CA LEU A 312 -7.79 -1.98 -15.19
C LEU A 312 -7.97 -2.19 -16.69
N ASP A 313 -7.05 -1.64 -17.51
CA ASP A 313 -7.12 -1.86 -18.96
C ASP A 313 -6.94 -3.32 -19.34
N ASN A 314 -6.30 -4.12 -18.46
CA ASN A 314 -6.02 -5.53 -18.70
C ASN A 314 -6.90 -6.50 -17.89
N ILE A 315 -8.03 -6.01 -17.37
CA ILE A 315 -9.00 -6.86 -16.65
C ILE A 315 -10.29 -6.93 -17.46
N TYR A 316 -10.78 -8.13 -17.72
CA TYR A 316 -12.05 -8.30 -18.46
C TYR A 316 -13.22 -7.84 -17.60
N LEU A 317 -14.13 -7.07 -18.19
CA LEU A 317 -15.32 -6.58 -17.48
C LEU A 317 -16.56 -7.17 -18.23
N GLN A 318 -16.69 -6.84 -19.51
CA GLN A 318 -17.81 -7.27 -20.37
C GLN A 318 -17.40 -6.84 -21.79
N ASP A 319 -17.25 -7.80 -22.74
CA ASP A 319 -16.80 -7.57 -24.13
C ASP A 319 -15.56 -6.64 -24.17
N GLY A 320 -15.65 -5.47 -24.81
CA GLY A 320 -14.53 -4.53 -24.87
C GLY A 320 -14.58 -3.42 -23.82
N LEU A 321 -15.60 -3.46 -22.92
CA LEU A 321 -15.72 -2.44 -21.89
C LEU A 321 -14.58 -2.51 -20.89
N ILE A 322 -14.20 -1.37 -20.36
CA ILE A 322 -13.11 -1.28 -19.42
C ILE A 322 -13.54 -0.48 -18.18
N ALA A 323 -13.20 -0.98 -16.99
CA ALA A 323 -13.59 -0.30 -15.76
C ALA A 323 -12.91 1.06 -15.59
N SER A 324 -13.66 2.04 -15.11
CA SER A 324 -13.14 3.36 -14.84
C SER A 324 -12.62 3.42 -13.41
N LEU A 325 -11.77 4.43 -13.11
CA LEU A 325 -11.35 4.62 -11.71
C LEU A 325 -12.59 5.10 -10.93
N TYR A 326 -12.60 4.86 -9.60
CA TYR A 326 -13.62 5.35 -8.67
C TYR A 326 -13.67 6.89 -8.80
N ARG A 327 -14.86 7.43 -9.08
CA ARG A 327 -15.06 8.83 -9.39
C ARG A 327 -14.25 9.85 -8.52
N PRO A 328 -14.26 9.83 -7.17
CA PRO A 328 -13.50 10.84 -6.42
C PRO A 328 -11.98 10.79 -6.57
N GLU A 329 -11.44 9.72 -7.17
CA GLU A 329 -10.00 9.69 -7.42
C GLU A 329 -9.64 9.64 -8.90
N ALA A 330 -10.63 9.76 -9.80
CA ALA A 330 -10.37 9.63 -11.24
C ALA A 330 -9.56 10.77 -11.87
N ASP A 331 -9.59 11.98 -11.30
CA ASP A 331 -8.80 13.10 -11.89
C ASP A 331 -7.35 13.12 -11.50
N LYS A 332 -6.88 12.15 -10.69
CA LYS A 332 -5.48 12.13 -10.27
C LYS A 332 -4.52 11.73 -11.39
N VAL A 333 -5.07 11.24 -12.51
CA VAL A 333 -4.29 10.83 -13.67
C VAL A 333 -4.98 11.31 -14.95
N ALA A 334 -4.22 11.74 -15.94
CA ALA A 334 -4.76 12.11 -17.24
C ALA A 334 -4.50 10.90 -18.14
N ALA A 335 -5.49 10.01 -18.23
CA ALA A 335 -5.34 8.79 -19.02
C ALA A 335 -6.63 8.42 -19.68
N ILE A 336 -6.54 7.81 -20.88
CA ILE A 336 -7.70 7.39 -21.63
C ILE A 336 -7.92 5.91 -21.33
N GLU A 337 -9.14 5.52 -20.95
CA GLU A 337 -9.45 4.11 -20.67
C GLU A 337 -9.25 3.28 -21.94
N GLY A 338 -8.44 2.25 -21.81
CA GLY A 338 -8.09 1.40 -22.95
C GLY A 338 -6.72 1.64 -23.58
N GLU A 339 -6.03 2.77 -23.26
CA GLU A 339 -4.73 3.03 -23.90
C GLU A 339 -3.64 1.98 -23.58
N PHE A 340 -3.75 1.27 -22.43
CA PHE A 340 -2.77 0.27 -22.02
C PHE A 340 -3.24 -1.17 -22.21
N LYS A 341 -4.34 -1.40 -22.97
CA LYS A 341 -4.87 -2.73 -23.21
C LYS A 341 -3.88 -3.53 -24.07
N LEU A 342 -3.42 -4.68 -23.58
CA LEU A 342 -2.45 -5.52 -24.29
C LEU A 342 -3.09 -6.75 -24.94
N ARG A 343 -2.46 -7.25 -26.00
CA ARG A 343 -2.90 -8.49 -26.64
C ARG A 343 -2.60 -9.68 -25.71
N THR A 344 -3.26 -10.82 -25.92
CA THR A 344 -3.17 -11.97 -25.03
C THR A 344 -1.74 -12.33 -24.51
N GLU A 345 -0.78 -12.58 -25.40
CA GLU A 345 0.57 -12.97 -24.98
C GLU A 345 1.33 -11.86 -24.26
N GLN A 346 1.16 -10.62 -24.70
CA GLN A 346 1.84 -9.50 -24.00
C GLN A 346 1.18 -9.30 -22.63
N ARG A 347 -0.15 -9.47 -22.51
CA ARG A 347 -0.83 -9.37 -21.22
C ARG A 347 -0.34 -10.44 -20.24
N LYS A 348 -0.14 -11.69 -20.71
CA LYS A 348 0.36 -12.74 -19.84
C LYS A 348 1.78 -12.40 -19.34
N THR A 349 2.61 -11.85 -20.23
CA THR A 349 3.97 -11.43 -19.85
C THR A 349 3.90 -10.33 -18.77
N PHE A 350 3.04 -9.33 -18.99
CA PHE A 350 2.85 -8.23 -18.04
C PHE A 350 2.45 -8.77 -16.65
N VAL A 351 1.48 -9.69 -16.61
CA VAL A 351 1.07 -10.30 -15.35
C VAL A 351 2.22 -11.06 -14.67
N GLU A 352 2.98 -11.86 -15.45
CA GLU A 352 4.07 -12.64 -14.85
C GLU A 352 5.19 -11.75 -14.33
N LEU A 353 5.52 -10.66 -15.05
CA LEU A 353 6.56 -9.71 -14.59
C LEU A 353 6.16 -9.09 -13.23
N MET A 354 4.85 -8.92 -12.97
CA MET A 354 4.41 -8.40 -11.67
C MET A 354 4.36 -9.51 -10.63
N LYS A 355 3.68 -10.61 -10.94
CA LYS A 355 3.46 -11.69 -9.99
C LYS A 355 4.74 -12.46 -9.60
N ARG A 356 5.50 -12.91 -10.56
CA ARG A 356 6.73 -13.65 -10.27
C ARG A 356 7.95 -12.71 -10.29
N GLY A 357 7.98 -11.78 -11.25
CA GLY A 357 9.13 -10.87 -11.36
C GLY A 357 9.22 -9.86 -10.23
N ASP A 358 8.09 -9.57 -9.59
CA ASP A 358 7.99 -8.56 -8.52
C ASP A 358 8.42 -7.16 -9.00
N LEU A 359 8.16 -6.87 -10.27
CA LEU A 359 8.50 -5.55 -10.81
C LEU A 359 7.38 -4.57 -10.58
N PRO A 360 7.71 -3.26 -10.47
CA PRO A 360 6.65 -2.22 -10.40
C PRO A 360 5.71 -2.33 -11.64
N VAL A 361 4.43 -1.96 -11.49
CA VAL A 361 3.48 -2.05 -12.62
C VAL A 361 4.00 -1.32 -13.90
N TRP A 362 4.49 -0.06 -13.72
CA TRP A 362 4.96 0.71 -14.88
C TRP A 362 6.08 0.01 -15.64
N LEU A 363 7.06 -0.53 -14.90
CA LEU A 363 8.21 -1.19 -15.52
C LEU A 363 7.80 -2.50 -16.20
N ALA A 364 6.91 -3.27 -15.55
CA ALA A 364 6.37 -4.52 -16.14
C ALA A 364 5.67 -4.20 -17.49
N TYR A 365 4.94 -3.08 -17.54
CA TYR A 365 4.23 -2.67 -18.75
C TYR A 365 5.21 -2.31 -19.87
N GLN A 366 6.29 -1.57 -19.56
CA GLN A 366 7.27 -1.19 -20.60
C GLN A 366 7.87 -2.44 -21.25
N VAL A 367 8.23 -3.43 -20.42
CA VAL A 367 8.86 -4.65 -20.93
C VAL A 367 7.88 -5.46 -21.77
N ALA A 368 6.66 -5.75 -21.25
CA ALA A 368 5.66 -6.55 -21.96
C ALA A 368 5.24 -5.87 -23.27
N SER A 369 4.98 -4.55 -23.22
CA SER A 369 4.55 -3.82 -24.43
C SER A 369 5.62 -3.75 -25.50
N ALA A 370 6.90 -3.93 -25.13
CA ALA A 370 8.01 -3.94 -26.11
C ALA A 370 8.13 -5.33 -26.81
N GLY A 371 7.26 -6.29 -26.47
CA GLY A 371 7.31 -7.60 -27.10
C GLY A 371 8.37 -8.52 -26.54
N ILE A 372 8.90 -8.19 -25.34
CA ILE A 372 9.92 -9.01 -24.69
C ILE A 372 9.22 -10.11 -23.85
N THR A 373 9.75 -11.36 -23.87
CA THR A 373 9.17 -12.45 -23.07
C THR A 373 9.71 -12.45 -21.65
N TYR A 374 8.94 -13.04 -20.71
CA TYR A 374 9.27 -12.98 -19.29
C TYR A 374 10.74 -13.29 -18.95
N THR A 375 11.30 -14.39 -19.49
CA THR A 375 12.65 -14.83 -19.12
C THR A 375 13.78 -14.11 -19.88
N ASP A 376 13.45 -13.21 -20.80
CA ASP A 376 14.49 -12.53 -21.60
C ASP A 376 14.90 -11.29 -20.84
N ARG A 377 16.12 -11.30 -20.26
CA ARG A 377 16.64 -10.22 -19.40
C ARG A 377 17.67 -9.34 -20.07
N ARG A 378 17.83 -9.45 -21.41
CA ARG A 378 18.80 -8.59 -22.12
C ARG A 378 18.52 -7.09 -21.89
N TRP A 379 17.26 -6.70 -21.69
CA TRP A 379 16.93 -5.30 -21.44
C TRP A 379 17.52 -4.75 -20.14
N CYS A 380 17.88 -5.62 -19.18
CA CYS A 380 18.47 -5.15 -17.91
C CYS A 380 19.87 -4.58 -18.11
N PHE A 381 20.51 -4.79 -19.28
CA PHE A 381 21.90 -4.40 -19.50
C PHE A 381 22.14 -3.47 -20.69
N ASP A 382 21.14 -3.22 -21.54
CA ASP A 382 21.37 -2.46 -22.78
C ASP A 382 20.85 -1.03 -22.78
N GLY A 383 20.66 -0.44 -21.61
CA GLY A 383 20.26 0.96 -21.53
C GLY A 383 21.45 1.91 -21.70
N THR A 384 21.20 3.23 -21.69
CA THR A 384 22.31 4.21 -21.81
C THR A 384 23.08 4.31 -20.47
N THR A 385 24.33 4.89 -20.45
CA THR A 385 25.03 4.96 -19.15
C THR A 385 24.29 5.84 -18.14
N ASN A 386 23.40 6.75 -18.58
CA ASN A 386 22.65 7.55 -17.59
C ASN A 386 21.64 6.68 -16.81
N ASN A 387 21.35 5.44 -17.30
CA ASN A 387 20.49 4.46 -16.63
C ASN A 387 21.31 3.46 -15.77
N THR A 388 22.64 3.70 -15.58
CA THR A 388 23.44 2.81 -14.75
C THR A 388 22.95 2.86 -13.31
N ILE A 389 22.73 1.68 -12.70
CA ILE A 389 22.27 1.61 -11.32
C ILE A 389 23.52 1.55 -10.44
N MET A 390 23.57 2.37 -9.40
CA MET A 390 24.72 2.45 -8.50
C MET A 390 24.53 1.68 -7.20
N GLU A 391 25.61 1.08 -6.69
CA GLU A 391 25.63 0.37 -5.42
CA GLU A 391 25.63 0.36 -5.42
C GLU A 391 26.86 0.85 -4.66
N ASP A 392 26.67 1.51 -3.50
CA ASP A 392 27.78 2.05 -2.70
C ASP A 392 28.69 2.98 -3.54
N SER A 393 28.06 3.88 -4.34
CA SER A 393 28.70 4.87 -5.23
C SER A 393 29.58 4.33 -6.37
N VAL A 394 29.41 3.05 -6.77
CA VAL A 394 30.10 2.42 -7.90
C VAL A 394 29.00 1.67 -8.70
N PRO A 395 29.10 1.51 -10.03
CA PRO A 395 28.03 0.79 -10.75
C PRO A 395 27.77 -0.61 -10.22
N ALA A 396 26.50 -0.98 -10.09
CA ALA A 396 26.11 -2.32 -9.64
C ALA A 396 26.43 -3.32 -10.75
N GLU A 397 26.89 -4.52 -10.38
CA GLU A 397 27.24 -5.56 -11.35
C GLU A 397 26.58 -6.86 -10.98
N VAL A 398 26.28 -7.68 -11.99
CA VAL A 398 25.72 -9.01 -11.75
C VAL A 398 26.31 -10.00 -12.76
N TRP A 399 26.23 -11.30 -12.45
CA TRP A 399 26.60 -12.30 -13.43
C TRP A 399 25.29 -12.64 -14.15
N THR A 400 25.28 -12.46 -15.48
CA THR A 400 24.08 -12.78 -16.25
C THR A 400 23.81 -14.31 -16.21
N LYS A 401 22.65 -14.73 -16.71
CA LYS A 401 22.34 -16.15 -16.84
C LYS A 401 23.31 -16.84 -17.81
N TYR A 402 24.07 -16.07 -18.63
CA TYR A 402 25.07 -16.66 -19.53
C TYR A 402 26.46 -16.84 -18.84
N GLY A 403 26.62 -16.33 -17.62
CA GLY A 403 27.87 -16.42 -16.89
C GLY A 403 28.83 -15.28 -17.18
N GLU A 404 28.31 -14.16 -17.69
CA GLU A 404 29.12 -12.97 -18.01
C GLU A 404 28.87 -11.88 -16.96
N LYS A 405 29.93 -11.22 -16.45
CA LYS A 405 29.75 -10.13 -15.49
C LYS A 405 29.38 -8.88 -16.27
N ARG A 406 28.29 -8.23 -15.93
CA ARG A 406 27.83 -7.03 -16.60
C ARG A 406 27.34 -5.99 -15.63
N VAL A 407 27.47 -4.72 -16.03
CA VAL A 407 26.94 -3.60 -15.27
C VAL A 407 25.44 -3.56 -15.47
N LEU A 408 24.71 -3.31 -14.39
CA LEU A 408 23.26 -3.20 -14.43
C LEU A 408 22.89 -1.82 -15.02
N LYS A 409 22.25 -1.80 -16.19
CA LYS A 409 21.95 -0.53 -16.89
C LYS A 409 20.66 -0.80 -17.66
N PRO A 410 19.52 -0.81 -16.94
CA PRO A 410 18.26 -1.20 -17.60
C PRO A 410 17.80 -0.23 -18.68
N ARG A 411 17.16 -0.76 -19.74
CA ARG A 411 16.64 0.02 -20.87
C ARG A 411 15.63 1.09 -20.40
N TRP A 412 14.79 0.71 -19.42
CA TRP A 412 13.85 1.64 -18.77
C TRP A 412 14.27 1.68 -17.30
N MET A 413 14.43 2.88 -16.76
CA MET A 413 14.86 3.05 -15.39
C MET A 413 13.66 3.39 -14.50
N ASP A 414 13.39 2.58 -13.49
CA ASP A 414 12.34 2.86 -12.53
C ASP A 414 13.00 2.88 -11.14
N ALA A 415 13.11 4.06 -10.51
CA ALA A 415 13.80 4.26 -9.24
C ALA A 415 13.37 3.29 -8.14
N ARG A 416 12.17 2.73 -8.25
CA ARG A 416 11.69 1.81 -7.23
C ARG A 416 12.47 0.51 -7.20
N VAL A 417 13.18 0.13 -8.28
CA VAL A 417 13.92 -1.15 -8.24
C VAL A 417 15.24 -1.04 -7.46
N CYS A 418 15.62 0.17 -7.03
CA CYS A 418 16.86 0.36 -6.29
C CYS A 418 16.69 1.41 -5.16
N SER A 419 15.46 1.60 -4.64
CA SER A 419 15.14 2.60 -3.60
C SER A 419 15.81 2.36 -2.23
N ASP A 420 16.24 1.11 -1.99
CA ASP A 420 16.92 0.69 -0.78
C ASP A 420 17.75 -0.59 -1.07
N HIS A 421 18.57 -1.06 -0.11
CA HIS A 421 19.41 -2.25 -0.34
C HIS A 421 18.58 -3.48 -0.71
N ALA A 422 17.43 -3.71 -0.03
CA ALA A 422 16.62 -4.90 -0.31
C ALA A 422 16.05 -4.87 -1.72
N ALA A 423 15.55 -3.70 -2.19
CA ALA A 423 14.99 -3.61 -3.54
C ALA A 423 16.08 -3.88 -4.58
N LEU A 424 17.28 -3.26 -4.41
CA LEU A 424 18.36 -3.47 -5.38
C LEU A 424 18.78 -4.96 -5.40
N LYS A 425 18.84 -5.60 -4.22
CA LYS A 425 19.23 -7.03 -4.14
C LYS A 425 18.25 -7.89 -4.96
N SER A 426 16.94 -7.59 -4.82
CA SER A 426 15.87 -8.28 -5.54
C SER A 426 16.00 -8.04 -7.07
N PHE A 427 16.24 -6.79 -7.48
CA PHE A 427 16.39 -6.48 -8.91
C PHE A 427 17.65 -7.16 -9.52
N LYS A 428 18.77 -7.24 -8.76
CA LYS A 428 19.98 -7.93 -9.24
C LYS A 428 19.69 -9.41 -9.48
N GLU A 429 18.90 -10.04 -8.59
CA GLU A 429 18.48 -11.43 -8.73
C GLU A 429 17.63 -11.61 -10.00
N PHE A 430 16.71 -10.67 -10.26
CA PHE A 430 15.91 -10.69 -11.47
C PHE A 430 16.79 -10.57 -12.73
N ALA A 431 17.69 -9.59 -12.74
CA ALA A 431 18.58 -9.35 -13.88
C ALA A 431 19.43 -10.58 -14.23
N ALA A 432 19.79 -11.33 -13.19
CA ALA A 432 20.62 -12.54 -13.30
C ALA A 432 19.84 -13.80 -13.77
N GLY A 433 18.52 -13.69 -13.90
CA GLY A 433 17.61 -14.77 -14.29
C GLY A 433 17.30 -15.73 -13.15
N LYS A 434 17.42 -15.29 -11.88
CA LYS A 434 17.21 -16.17 -10.71
C LYS A 434 15.74 -16.40 -10.32
N ARG A 435 14.81 -15.68 -10.97
CA ARG A 435 13.37 -15.93 -10.84
C ARG A 435 12.61 -15.50 -12.11
C1 EDO B . 0.97 -4.48 1.88
O1 EDO B . 1.51 -4.21 0.60
C2 EDO B . 2.06 -5.01 2.77
O2 EDO B . 2.58 -6.21 2.21
P PO4 C . -12.00 1.45 13.20
O1 PO4 C . -11.99 0.16 12.35
O2 PO4 C . -13.16 2.36 12.80
O3 PO4 C . -10.67 2.21 12.99
O4 PO4 C . -12.15 1.14 14.70
P PO4 D . 7.54 2.74 -2.89
O1 PO4 D . 7.00 1.94 -4.06
O2 PO4 D . 9.08 2.60 -2.83
O3 PO4 D . 7.17 4.23 -3.05
O4 PO4 D . 6.93 2.21 -1.58
C1 MPD E . -0.46 -5.38 -9.02
C2 MPD E . -0.32 -6.83 -8.57
O2 MPD E . 1.03 -6.99 -8.08
CM MPD E . -1.26 -7.13 -7.41
C3 MPD E . -0.64 -7.76 -9.75
C4 MPD E . 0.19 -9.00 -10.03
O4 MPD E . 0.88 -9.55 -8.91
C5 MPD E . -0.64 -10.05 -10.74
N1 ZVB F . -9.68 -20.82 -1.08
C4 ZVB F . -6.40 -20.51 0.24
C5 ZVB F . -7.70 -20.87 0.41
C6 ZVB F . -8.38 -20.62 -0.78
C7 ZVB F . -10.03 -20.54 -2.35
C8 ZVB F . -9.17 -20.07 -3.31
C10 ZVB F . -7.44 -20.16 -1.71
C1 ZVB F . -5.73 -20.69 2.64
C2 ZVB F . -5.25 -20.58 1.21
C3 ZVB F . -4.29 -21.74 0.88
C9 ZVB F . -7.85 -19.83 -3.01
N2 ZVB F . -6.24 -20.06 -1.06
S DMS G . -4.60 -16.95 -1.96
O DMS G . -4.91 -17.77 -3.19
C1 DMS G . -3.58 -18.01 -0.91
C2 DMS G . -3.28 -15.79 -2.38
#